data_6VA4
#
_entry.id   6VA4
#
loop_
_entity.id
_entity.type
_entity.pdbx_description
1 polymer "RNA (5'-R(*CP*CP*GP*GP*CP*AP*GP*UP*GP*UP*G)-3')"
2 polymer "RNA (5'-R(*CP*AP*CP*AP*CP*GP*UP*CP*GP*G)-3')"
3 non-polymer N-[3-(8-methoxy-4-oxo-4,5-dihydro-3H-pyrimido[5,4-b]indol-3-yl)propyl]-N-methylcyclohexanaminium
#
loop_
_entity_poly.entity_id
_entity_poly.type
_entity_poly.pdbx_seq_one_letter_code
_entity_poly.pdbx_strand_id
1 'polyribonucleotide' CCGGCAGUGUG A
2 'polyribonucleotide' CACACGUCGG B
#
loop_
_chem_comp.id
_chem_comp.type
_chem_comp.name
_chem_comp.formula
A RNA linking ADENOSINE-5'-MONOPHOSPHATE 'C10 H14 N5 O7 P'
C RNA linking CYTIDINE-5'-MONOPHOSPHATE 'C9 H14 N3 O8 P'
G RNA linking GUANOSINE-5'-MONOPHOSPHATE 'C10 H14 N5 O8 P'
QSY non-polymer N-[3-(8-methoxy-4-oxo-4,5-dihydro-3H-pyrimido[5,4-b]indol-3-yl)propyl]-N-methylcyclohexanaminium 'C21 H29 N4 O2 1'
U RNA linking URIDINE-5'-MONOPHOSPHATE 'C9 H13 N2 O9 P'
#
# COMPACT_ATOMS: atom_id res chain seq x y z
C1 QSY C . 2.12 4.93 -1.19
N1 QSY C . 2.23 1.64 1.34
O1 QSY C . 2.09 6.00 -2.06
C2 QSY C . 3.41 4.40 -0.87
N2 QSY C . -1.13 0.56 2.43
O2 QSY C . 0.90 -0.49 2.90
C3 QSY C . 3.53 3.28 -0.01
N3 QSY C . -1.22 2.56 1.01
C4 QSY C . 2.35 2.73 0.50
N4 QSY C . -1.09 -1.32 0.04
C5 QSY C . 1.12 3.26 0.22
C6 QSY C . 0.96 4.36 -0.63
C7 QSY C . 0.89 6.75 -2.31
C8 QSY C . 0.85 1.48 1.58
C9 QSY C . 0.16 2.47 0.93
C10 QSY C . 0.27 0.41 2.38
C11 QSY C . -1.78 1.62 1.78
C12 QSY C . -1.94 -0.47 3.08
C13 QSY C . -2.68 -1.40 2.09
C14 QSY C . -1.76 -2.17 1.11
C15 QSY C . -0.04 -2.14 -0.70
C16 QSY C . -2.11 -0.73 -0.91
C17 QSY C . 0.97 -1.25 -1.45
C18 QSY C . 2.11 -2.09 -2.07
C19 QSY C . 1.56 -3.19 -3.00
C20 QSY C . 0.53 -4.08 -2.27
C21 QSY C . -0.60 -3.25 -1.62
H7 QSY C . 2.97 1.06 1.70
H1 QSY C . 4.30 4.85 -1.29
H2 QSY C . 4.50 2.89 0.24
H29 QSY C . -0.60 -0.55 0.51
H3 QSY C . -0.03 4.75 -0.86
H4 QSY C . 1.09 7.53 -3.05
H5 QSY C . 0.53 7.22 -1.38
H6 QSY C . 0.10 6.10 -2.70
H8 QSY C . -2.86 1.59 1.92
H10 QSY C . -1.30 -1.09 3.74
H9 QSY C . -2.67 0.04 3.72
H12 QSY C . -3.24 -2.14 2.68
H11 QSY C . -3.44 -0.83 1.53
H13 QSY C . -2.35 -2.92 0.61
H14 QSY C . -0.97 -2.65 1.69
H15 QSY C . 0.52 -2.65 0.09
H17 QSY C . -2.68 -1.53 -1.38
H18 QSY C . -1.59 -0.15 -1.67
H16 QSY C . -2.78 -0.08 -0.34
H19 QSY C . 1.40 -0.51 -0.75
H20 QSY C . 0.46 -0.69 -2.25
H22 QSY C . 2.80 -1.44 -2.61
H21 QSY C . 2.69 -2.55 -1.26
H24 QSY C . 1.08 -2.72 -3.87
H23 QSY C . 2.39 -3.80 -3.37
H26 QSY C . 0.12 -4.80 -2.98
H25 QSY C . 1.04 -4.66 -1.49
H27 QSY C . -1.27 -3.92 -1.06
H28 QSY C . -1.20 -2.80 -2.42
C1 QSY C . 2.50 4.59 -1.04
N1 QSY C . 2.43 1.53 1.78
O1 QSY C . 2.51 5.60 -1.98
C2 QSY C . 3.74 4.02 -0.69
N2 QSY C . -0.97 0.76 2.97
O2 QSY C . 0.99 -0.33 3.59
C3 QSY C . 3.82 2.98 0.26
N3 QSY C . -0.94 2.66 1.41
C4 QSY C . 2.63 2.55 0.84
N4 QSY C . -1.85 -0.91 0.57
C5 QSY C . 1.41 3.13 0.53
C6 QSY C . 1.30 4.16 -0.41
C7 QSY C . 1.34 6.39 -2.26
C8 QSY C . 1.07 1.51 2.07
C9 QSY C . 0.41 2.47 1.33
C10 QSY C . 0.41 0.55 2.96
C11 QSY C . -1.56 1.80 2.23
C12 QSY C . -1.83 -0.11 3.77
C13 QSY C . -2.09 -1.50 3.12
C14 QSY C . -2.71 -1.46 1.70
C15 QSY C . -0.52 -1.63 0.45
C16 QSY C . -2.64 -0.97 -0.72
C17 QSY C . 0.46 -0.96 -0.56
C18 QSY C . 1.87 -1.59 -0.49
C19 QSY C . 1.81 -3.11 -0.72
C20 QSY C . 0.81 -3.81 0.22
C21 QSY C . -0.59 -3.16 0.18
H7 QSY C . 3.14 0.92 2.16
H1 QSY C . 4.65 4.39 -1.15
H2 QSY C . 4.77 2.53 0.52
H29 QSY C . -1.65 0.08 0.77
H3 QSY C . 0.34 4.58 -0.65
H4 QSY C . 1.57 7.13 -3.05
H5 QSY C . 1.03 6.93 -1.35
H6 QSY C . 0.50 5.77 -2.60
H8 QSY C . -2.64 1.84 2.36
H10 QSY C . -1.38 -0.26 4.75
H9 QSY C . -2.79 0.38 3.94
H12 QSY C . -1.16 -2.08 3.12
H11 QSY C . -2.77 -2.06 3.78
H13 QSY C . -3.62 -0.86 1.73
H14 QSY C . -2.97 -2.48 1.41
H15 QSY C . -0.06 -1.52 1.43
H17 QSY C . -2.06 -0.53 -1.52
H18 QSY C . -3.58 -0.41 -0.58
H16 QSY C . -2.87 -2.01 -0.93
H19 QSY C . 0.52 0.12 -0.35
H20 QSY C . 0.07 -1.06 -1.57
H22 QSY C . 2.53 -1.12 -1.22
H21 QSY C . 2.31 -1.39 0.51
H24 QSY C . 1.52 -3.31 -1.76
H23 QSY C . 2.80 -3.55 -0.59
H26 QSY C . 0.74 -4.87 -0.03
H25 QSY C . 1.19 -3.77 1.26
H27 QSY C . -1.22 -3.65 0.92
H28 QSY C . -1.04 -3.35 -0.81
C1 QSY C . 2.67 4.87 -1.00
N1 QSY C . 2.81 1.54 1.48
O1 QSY C . 2.62 5.95 -1.86
C2 QSY C . 3.95 4.42 -0.59
N2 QSY C . -0.51 0.15 2.21
O2 QSY C . 1.54 -0.71 2.88
C3 QSY C . 4.08 3.32 0.26
N3 QSY C . -0.67 2.18 0.85
C4 QSY C . 2.92 2.67 0.68
N4 QSY C . 0.19 -2.05 0.08
C5 QSY C . 1.67 3.10 0.29
C6 QSY C . 1.50 4.21 -0.55
C7 QSY C . 1.41 6.66 -2.13
C8 QSY C . 1.44 1.26 1.58
C9 QSY C . 0.72 2.21 0.90
C10 QSY C . 0.88 0.13 2.30
C11 QSY C . -1.21 1.16 1.52
C12 QSY C . -1.29 -0.94 2.81
C13 QSY C . -1.82 -1.96 1.77
C14 QSY C . -0.73 -2.79 1.06
C15 QSY C . 1.28 -2.97 -0.49
C16 QSY C . -0.63 -1.46 -1.05
C17 QSY C . 0.77 -4.25 -1.20
C18 QSY C . 1.92 -5.05 -1.84
C19 QSY C . 3.02 -5.40 -0.80
C20 QSY C . 3.52 -4.13 -0.08
C21 QSY C . 2.37 -3.32 0.56
H7 QSY C . 3.56 1.00 1.89
H1 QSY C . 4.84 4.94 -0.93
H2 QSY C . 5.05 2.97 0.59
H29 QSY C . 0.65 -1.28 0.58
H3 QSY C . 0.51 4.53 -0.85
H4 QSY C . 1.60 7.47 -2.85
H5 QSY C . 1.00 7.09 -1.21
H6 QSY C . 0.65 5.99 -2.56
H8 QSY C . -2.28 1.02 1.56
H10 QSY C . -0.70 -1.47 3.56
H9 QSY C . -2.15 -0.50 3.34
H12 QSY C . -2.48 -2.67 2.31
H11 QSY C . -2.46 -1.45 1.03
H13 QSY C . -1.21 -3.59 0.50
H14 QSY C . -0.08 -3.24 1.83
H15 QSY C . 1.75 -2.35 -1.24
H17 QSY C . -1.16 -2.26 -1.55
H18 QSY C . 0.06 -0.97 -1.74
H16 QSY C . -1.32 -0.73 -0.63
H19 QSY C . 0.04 -3.99 -1.99
H20 QSY C . 0.24 -4.89 -0.48
H22 QSY C . 1.54 -5.98 -2.29
H21 QSY C . 2.36 -4.46 -2.66
H24 QSY C . 2.61 -6.10 -0.08
H23 QSY C . 3.86 -5.90 -1.30
H26 QSY C . 4.25 -4.42 0.69
H25 QSY C . 4.05 -3.49 -0.80
H27 QSY C . 2.78 -2.41 0.98
H28 QSY C . 1.92 -3.90 1.37
C1 QSY C . 2.96 4.95 -1.35
N1 QSY C . 3.08 1.82 1.37
O1 QSY C . 2.92 5.98 -2.28
C2 QSY C . 4.24 4.46 -1.00
N2 QSY C . -0.27 0.82 2.52
O2 QSY C . 1.74 -0.18 3.10
C3 QSY C . 4.37 3.39 -0.09
N3 QSY C . -0.37 2.76 1.03
C4 QSY C . 3.20 2.87 0.48
N4 QSY C . -1.21 -0.70 0.03
C5 QSY C . 1.96 3.39 0.17
C6 QSY C . 1.80 4.43 -0.75
C7 QSY C . 1.71 6.61 -2.68
C8 QSY C . 1.71 1.70 1.64
C9 QSY C . 1.01 2.65 0.94
C10 QSY C . 1.11 0.68 2.50
C11 QSY C . -0.93 1.85 1.83
C12 QSY C . -1.09 -0.16 3.27
C13 QSY C . -1.30 -1.49 2.53
C14 QSY C . -1.99 -1.37 1.15
C15 QSY C . 0.13 -1.39 -0.24
C16 QSY C . -2.08 -0.65 -1.21
C17 QSY C . 1.05 -0.61 -1.21
C18 QSY C . 2.45 -1.24 -1.30
C19 QSY C . 2.38 -2.73 -1.71
C20 QSY C . 1.45 -3.53 -0.77
C21 QSY C . 0.05 -2.88 -0.67
H7 QSY C . 3.82 1.25 1.75
H1 QSY C . 5.14 4.88 -1.45
H2 QSY C . 5.34 2.99 0.18
H29 QSY C . -1.01 0.26 0.32
H3 QSY C . 0.80 4.80 -0.98
H4 QSY C . 1.92 7.38 -3.42
H5 QSY C . 1.21 7.08 -1.82
H6 QSY C . 1.01 5.89 -3.13
H8 QSY C . -2.01 1.83 1.97
H10 QSY C . -0.60 -0.35 4.24
H9 QSY C . -2.08 0.28 3.49
H12 QSY C . -0.33 -2.01 2.42
H11 QSY C . -1.92 -2.13 3.17
H13 QSY C . -2.93 -0.81 1.26
H14 QSY C . -2.25 -2.38 0.80
H15 QSY C . 0.64 -1.37 0.72
H17 QSY C . -2.29 -1.67 -1.53
H18 QSY C . -1.55 -0.11 -2.00
H16 QSY C . -3.00 -0.13 -0.95
H19 QSY C . 1.14 0.43 -0.88
H20 QSY C . 0.60 -0.59 -2.22
H22 QSY C . 3.07 -0.69 -2.03
H21 QSY C . 2.95 -1.15 -0.33
H24 QSY C . 2.00 -2.81 -2.75
H23 QSY C . 3.38 -3.17 -1.70
H26 QSY C . 1.36 -4.56 -1.13
H25 QSY C . 1.90 -3.57 0.23
H27 QSY C . -0.54 -3.46 0.06
H28 QSY C . -0.46 -2.97 -1.64
C1 QSY C . 1.99 4.45 -0.88
N1 QSY C . 1.94 1.12 1.62
O1 QSY C . 1.99 5.52 -1.73
C2 QSY C . 3.23 3.84 -0.60
N2 QSY C . -1.45 0.17 2.70
O2 QSY C . 0.53 -0.90 3.24
C3 QSY C . 3.31 2.73 0.26
N3 QSY C . -1.47 2.16 1.26
C4 QSY C . 2.11 2.23 0.78
N4 QSY C . -3.72 -3.04 0.55
C5 QSY C . 0.90 2.81 0.50
C6 QSY C . 0.79 3.94 -0.33
C7 QSY C . 0.85 6.38 -1.90
C8 QSY C . 0.56 1.02 1.85
C9 QSY C . -0.10 2.04 1.19
C10 QSY C . -0.07 -0.01 2.66
C11 QSY C . -2.07 1.23 2.01
C12 QSY C . -2.30 -0.77 3.45
C13 QSY C . -2.61 -2.08 2.68
C14 QSY C . -3.26 -1.81 1.30
C15 QSY C . -4.45 -2.67 -0.74
C16 QSY C . -2.54 -3.93 0.23
C17 QSY C . -3.65 -1.80 -1.74
C18 QSY C . -4.43 -1.57 -3.07
C19 QSY C . -5.83 -0.99 -2.80
C20 QSY C . -6.64 -1.85 -1.80
C21 QSY C . -5.85 -2.07 -0.49
H7 QSY C . 2.66 0.51 1.97
H1 QSY C . 4.14 4.25 -1.03
H2 QSY C . 4.27 2.26 0.49
H29 QSY C . -4.37 -3.58 1.15
H3 QSY C . -0.18 4.36 -0.53
H4 QSY C . -0.01 5.81 -2.29
H5 QSY C . 1.08 7.19 -2.61
H6 QSY C . 0.57 6.82 -0.94
H8 QSY C . -3.14 1.22 2.13
H10 QSY C . -1.81 -1.03 4.40
H9 QSY C . -3.23 -0.26 3.70
H12 QSY C . -1.68 -2.65 2.56
H11 QSY C . -3.29 -2.68 3.29
H13 QSY C . -2.54 -1.28 0.67
H14 QSY C . -4.14 -1.16 1.45
H15 QSY C . -4.62 -3.63 -1.24
H17 QSY C . -2.88 -4.78 -0.36
H18 QSY C . -2.09 -4.27 1.16
H16 QSY C . -1.81 -3.35 -0.34
H19 QSY C . -2.69 -2.26 -1.97
H20 QSY C . -3.43 -0.81 -1.30
H22 QSY C . -3.86 -0.90 -3.72
H21 QSY C . -4.53 -2.52 -3.59
H24 QSY C . -5.73 0.03 -2.42
H23 QSY C . -6.39 -0.92 -3.75
H26 QSY C . -7.60 -1.37 -1.58
H25 QSY C . -6.88 -2.82 -2.25
H27 QSY C . -6.43 -2.73 0.17
H28 QSY C . -5.75 -1.11 0.03
C1 QSY C . 2.65 3.81 0.18
N1 QSY C . 2.44 0.87 3.12
O1 QSY C . 2.70 4.75 -0.83
C2 QSY C . 3.86 3.18 0.55
N2 QSY C . -1.02 0.02 4.00
O2 QSY C . 0.90 -1.03 4.76
C3 QSY C . 3.89 2.19 1.55
N3 QSY C . -0.91 1.99 2.55
C4 QSY C . 2.69 1.87 2.18
N4 QSY C . -1.97 -1.49 1.43
C5 QSY C . 1.50 2.49 1.83
C6 QSY C . 1.44 3.47 0.83
C7 QSY C . 1.53 5.42 -1.30
C8 QSY C . 1.06 0.86 3.33
C9 QSY C . 0.47 1.85 2.60
C10 QSY C . 0.36 -0.15 4.12
C11 QSY C . -1.58 1.09 3.26
C12 QSY C . -1.93 -0.93 4.66
C13 QSY C . -2.05 -2.29 3.93
C14 QSY C . -2.70 -2.24 2.53
C15 QSY C . -0.53 -1.99 1.24
C16 QSY C . -2.77 -1.62 0.15
C17 QSY C . 0.30 -1.10 0.29
C18 QSY C . 1.79 -1.52 0.29
C19 QSY C . 1.96 -3.01 -0.08
C20 QSY C . 1.10 -3.92 0.82
C21 QSY C . -0.38 -3.48 0.84
H7 QSY C . 3.13 0.25 3.52
H1 QSY C . 4.79 3.45 0.05
H2 QSY C . 4.82 1.69 1.81
H29 QSY C . -1.91 -0.50 1.69
H3 QSY C . 0.49 3.91 0.55
H4 QSY C . 0.78 4.71 -1.67
H5 QSY C . 1.79 6.11 -2.11
H6 QSY C . 1.08 6.01 -0.49
H8 QSY C . -2.66 1.07 3.28
H10 QSY C . -1.57 -1.10 5.68
H9 QSY C . -2.93 -0.49 4.73
H12 QSY C . -1.07 -2.77 3.87
H11 QSY C . -2.66 -2.96 4.56
H13 QSY C . -3.69 -1.79 2.60
H14 QSY C . -2.84 -3.27 2.18
H15 QSY C . -0.08 -1.88 2.23
H17 QSY C . -2.82 -2.68 -0.11
H18 QSY C . -2.28 -1.05 -0.63
H16 QSY C . -3.77 -1.22 0.34
H19 QSY C . 0.21 -0.05 0.57
H20 QSY C . -0.09 -1.19 -0.73
H22 QSY C . 2.36 -0.89 -0.40
H21 QSY C . 2.21 -1.35 1.28
H24 QSY C . 1.66 -3.15 -1.13
H23 QSY C . 3.02 -3.29 -0.01
H26 QSY C . 1.17 -4.96 0.48
H25 QSY C . 1.49 -3.90 1.85
H27 QSY C . -0.92 -4.13 1.55
H28 QSY C . -0.83 -3.66 -0.15
C1 QSY C . 2.53 5.14 -1.21
N1 QSY C . 2.70 2.28 1.80
O1 QSY C . 2.47 6.05 -2.24
C2 QSY C . 3.79 4.58 -0.91
N2 QSY C . -0.63 1.30 3.00
O2 QSY C . 1.40 0.33 3.60
C3 QSY C . 3.95 3.63 0.11
N3 QSY C . -0.74 3.24 1.50
C4 QSY C . 2.80 3.24 0.81
N4 QSY C . -1.45 -0.04 0.39
C5 QSY C . 1.56 3.79 0.55
C6 QSY C . 1.38 4.75 -0.47
C7 QSY C . 1.27 6.80 -2.54
C8 QSY C . 1.34 2.20 2.13
C9 QSY C . 0.63 3.13 1.40
C10 QSY C . 0.76 1.19 3.01
C11 QSY C . -1.30 2.33 2.31
C12 QSY C . -1.43 0.24 3.64
C13 QSY C . -1.51 -1.07 2.81
C14 QSY C . -2.17 -0.93 1.41
C15 QSY C . -0.47 -0.76 -0.53
C16 QSY C . -2.51 0.68 -0.44
C17 QSY C . -1.06 -1.90 -1.39
C18 QSY C . -0.04 -2.39 -2.44
C19 QSY C . 1.30 -2.84 -1.78
C20 QSY C . 1.87 -1.72 -0.87
C21 QSY C . 0.83 -1.21 0.16
H7 QSY C . 3.44 1.68 2.16
H1 QSY C . 4.66 4.90 -1.48
H2 QSY C . 4.92 3.18 0.32
H29 QSY C . -0.94 0.68 0.92
H3 QSY C . 0.40 5.15 -0.67
H4 QSY C . 0.99 7.40 -1.67
H5 QSY C . 0.45 6.14 -2.80
H6 QSY C . 1.46 7.48 -3.38
H8 QSY C . -2.37 2.30 2.45
H10 QSY C . -1.00 0.00 4.62
H9 QSY C . -2.44 0.61 3.82
H12 QSY C . -0.51 -1.51 2.71
H11 QSY C . -2.10 -1.80 3.38
H13 QSY C . -3.16 -0.50 1.55
H14 QSY C . -2.29 -1.92 0.95
H15 QSY C . -0.17 0.03 -1.22
H17 QSY C . -3.10 -0.06 -0.98
H18 QSY C . -2.01 1.36 -1.12
H16 QSY C . -3.15 1.25 0.25
H19 QSY C . -1.96 -1.56 -1.91
H20 QSY C . -1.36 -2.75 -0.75
H22 QSY C . -0.46 -3.24 -3.00
H21 QSY C . 0.15 -1.59 -3.16
H24 QSY C . 1.13 -3.73 -1.17
H23 QSY C . 2.02 -3.10 -2.54
H26 QSY C . 2.76 -2.08 -0.34
H25 QSY C . 2.20 -0.88 -1.48
H27 QSY C . 1.25 -0.40 0.74
H28 QSY C . 0.60 -2.04 0.86
C1 QSY C . 2.04 4.73 -0.89
N1 QSY C . 2.17 1.58 1.82
O1 QSY C . 1.99 5.76 -1.81
C2 QSY C . 3.32 4.33 -0.42
N2 QSY C . -1.13 0.06 2.41
O2 QSY C . 0.90 -0.66 3.28
C3 QSY C . 3.45 3.28 0.51
N3 QSY C . -1.28 2.02 0.95
C4 QSY C . 2.28 2.65 0.94
N4 QSY C . -1.94 -3.22 -0.28
C5 QSY C . 1.04 3.03 0.49
C6 QSY C . 0.87 4.06 -0.44
C7 QSY C . 0.75 6.44 -2.12
C8 QSY C . 0.81 1.26 1.88
C9 QSY C . 0.09 2.14 1.09
C10 QSY C . 0.24 0.13 2.61
C11 QSY C . -1.81 1.00 1.61
C12 QSY C . -1.91 -1.04 3.01
C13 QSY C . -1.82 -2.34 2.17
C14 QSY C . -2.31 -2.15 0.73
C15 QSY C . -0.42 -3.36 -0.46
C16 QSY C . -2.56 -4.53 0.16
C17 QSY C . 0.31 -2.02 -0.77
C18 QSY C . 1.85 -2.21 -0.88
C19 QSY C . 2.22 -3.26 -1.95
C20 QSY C . 1.49 -4.59 -1.68
C21 QSY C . -0.04 -4.42 -1.55
H7 QSY C . 2.94 1.09 2.27
H1 QSY C . 4.20 4.86 -0.77
H2 QSY C . 4.43 2.98 0.87
H29 QSY C . -2.34 -2.95 -1.19
H3 QSY C . -0.12 4.33 -0.80
H4 QSY C . 0.32 6.88 -1.21
H5 QSY C . 0.03 5.75 -2.57
H6 QSY C . 0.94 7.24 -2.84
H8 QSY C . -2.88 0.80 1.57
H10 QSY C . -1.54 -1.22 4.02
H9 QSY C . -2.96 -0.75 3.09
H12 QSY C . -0.77 -2.68 2.19
H11 QSY C . -2.40 -3.12 2.66
H13 QSY C . -1.90 -1.21 0.34
H14 QSY C . -3.39 -2.07 0.74
H15 QSY C . -0.05 -3.72 0.49
H17 QSY C . -2.44 -5.28 -0.62
H18 QSY C . -3.64 -4.36 0.34
H16 QSY C . -2.09 -4.85 1.09
H19 QSY C . 0.11 -1.28 0.01
H20 QSY C . -0.07 -1.59 -1.70
H22 QSY C . 2.32 -1.25 -1.10
H21 QSY C . 2.23 -2.52 0.09
H24 QSY C . 1.94 -2.88 -2.94
H23 QSY C . 3.30 -3.42 -1.95
H26 QSY C . 1.71 -5.30 -2.49
H25 QSY C . 1.89 -5.03 -0.76
H27 QSY C . -0.47 -5.39 -1.31
H28 QSY C . -0.46 -4.11 -2.52
C1 QSY C . 2.71 5.42 -1.01
N1 QSY C . 2.08 2.02 1.27
O1 QSY C . 2.92 6.51 -1.85
C2 QSY C . 3.85 4.80 -0.48
N2 QSY C . -1.45 0.96 1.30
O2 QSY C . 0.37 -0.18 2.20
C3 QSY C . 3.72 3.65 0.35
N3 QSY C . -1.15 3.13 0.20
C4 QSY C . 2.44 3.18 0.59
N4 QSY C . -1.32 -2.77 -0.45
C5 QSY C . 1.32 3.80 0.09
C6 QSY C . 1.42 4.94 -0.72
C7 QSY C . 1.85 7.24 -2.43
C8 QSY C . 0.69 1.92 1.16
C9 QSY C . 0.19 3.01 0.48
C10 QSY C . -0.10 0.79 1.63
C11 QSY C . -1.91 2.12 0.64
C12 QSY C . -2.41 -0.12 1.54
C13 QSY C . -2.90 -0.81 0.24
C14 QSY C . -1.77 -1.33 -0.67
C15 QSY C . -0.54 -3.24 -1.67
C16 QSY C . -0.52 -2.90 0.82
C17 QSY C . -0.32 -4.78 -1.69
C18 QSY C . 0.34 -5.26 -3.01
C19 QSY C . 1.65 -4.52 -3.29
C20 QSY C . 1.45 -2.98 -3.27
C21 QSY C . 0.80 -2.50 -1.94
H7 QSY C . 2.70 1.35 1.70
H1 QSY C . 4.84 5.19 -0.71
H2 QSY C . 4.60 3.15 0.75
H29 QSY C . -2.17 -3.36 -0.38
H3 QSY C . 0.52 5.38 -1.14
H4 QSY C . 2.25 8.06 -3.03
H5 QSY C . 1.19 7.66 -1.65
H6 QSY C . 1.25 6.60 -3.08
H8 QSY C . -2.97 2.10 0.49
H10 QSY C . -2.00 -0.87 2.21
H9 QSY C . -3.28 0.32 2.05
H12 QSY C . -3.59 -1.62 0.48
H11 QSY C . -3.49 -0.08 -0.32
H13 QSY C . -0.88 -0.69 -0.60
H14 QSY C . -2.14 -1.30 -1.70
H15 QSY C . -1.19 -3.02 -2.52
H17 QSY C . -1.15 -2.59 1.65
H18 QSY C . 0.35 -2.25 0.75
H16 QSY C . -0.20 -3.92 0.94
H19 QSY C . -1.29 -5.29 -1.57
H20 QSY C . 0.30 -5.08 -0.85
H22 QSY C . 0.52 -6.34 -2.94
H21 QSY C . -0.36 -5.09 -3.84
H24 QSY C . 2.41 -4.80 -2.55
H23 QSY C . 2.04 -4.81 -4.27
H26 QSY C . 2.41 -2.48 -3.42
H25 QSY C . 0.81 -2.70 -4.10
H27 QSY C . 0.64 -1.43 -2.01
H28 QSY C . 1.50 -2.68 -1.11
C1 QSY C . 2.92 4.86 -0.46
N1 QSY C . 3.03 1.49 1.97
O1 QSY C . 2.86 5.96 -1.28
C2 QSY C . 4.18 4.45 0.03
N2 QSY C . -0.24 -0.18 2.20
O2 QSY C . 1.75 -0.91 3.15
C3 QSY C . 4.31 3.35 0.89
N3 QSY C . -0.37 1.92 0.95
C4 QSY C . 3.15 2.64 1.22
N4 QSY C . -1.00 -3.23 -0.93
C5 QSY C . 1.92 3.02 0.72
C6 QSY C . 1.76 4.13 -0.11
C7 QSY C . 1.61 6.54 -1.70
C8 QSY C . 1.68 1.12 1.93
C9 QSY C . 0.98 2.06 1.20
C10 QSY C . 1.11 -0.09 2.52
C11 QSY C . -0.91 0.81 1.47
C12 QSY C . -0.99 -1.39 2.58
C13 QSY C . -0.80 -2.55 1.58
C14 QSY C . -1.12 -2.13 0.13
C15 QSY C . -1.41 -2.71 -2.32
C16 QSY C . 0.43 -3.73 -0.97
C17 QSY C . -2.84 -2.10 -2.37
C18 QSY C . -3.94 -3.17 -2.16
C19 QSY C . -3.80 -4.32 -3.20
C20 QSY C . -2.37 -4.89 -3.27
C21 QSY C . -1.32 -3.78 -3.44
H7 QSY C . 3.77 0.97 2.43
H1 QSY C . 5.07 5.02 -0.25
H2 QSY C . 5.28 3.04 1.27
H29 QSY C . -1.62 -4.01 -0.68
H3 QSY C . 0.78 4.39 -0.48
H4 QSY C . 1.80 7.42 -2.32
H5 QSY C . 1.02 6.87 -0.83
H6 QSY C . 1.02 5.82 -2.27
H8 QSY C . -1.95 0.59 1.34
H10 QSY C . -0.68 -1.71 3.58
H9 QSY C . -2.06 -1.15 2.63
H12 QSY C . 0.24 -2.88 1.65
H11 QSY C . -1.43 -3.40 1.87
H13 QSY C . -0.47 -1.32 -0.18
H14 QSY C . -2.15 -1.78 0.10
H15 QSY C . -0.70 -1.91 -2.54
H17 QSY C . 1.08 -2.91 -1.28
H18 QSY C . 0.51 -4.56 -1.67
H16 QSY C . 0.72 -4.06 0.03
H19 QSY C . -3.00 -1.63 -3.35
H20 QSY C . -2.96 -1.30 -1.64
H22 QSY C . -3.87 -3.59 -1.15
H21 QSY C . -4.93 -2.71 -2.24
H24 QSY C . -4.53 -5.11 -2.97
H23 QSY C . -4.08 -3.92 -4.19
H26 QSY C . -2.16 -5.45 -2.36
H25 QSY C . -2.30 -5.60 -4.10
H27 QSY C . -1.47 -3.28 -4.42
H28 QSY C . -0.31 -4.21 -3.48
C1 QSY C . 2.69 5.03 -1.02
N1 QSY C . 2.58 1.63 1.37
O1 QSY C . 2.70 6.13 -1.87
C2 QSY C . 3.92 4.46 -0.66
N2 QSY C . -0.85 0.62 2.28
O2 QSY C . 1.12 -0.54 2.76
C3 QSY C . 3.98 3.32 0.16
N3 QSY C . -0.82 2.69 0.98
C4 QSY C . 2.77 2.78 0.61
N4 QSY C . -0.97 -1.08 -0.23
C5 QSY C . 1.56 3.36 0.29
C6 QSY C . 1.47 4.48 -0.53
C7 QSY C . 1.50 6.79 -2.30
C8 QSY C . 1.20 1.50 1.54
C9 QSY C . 0.55 2.56 0.92
C10 QSY C . 0.54 0.42 2.26
C11 QSY C . -1.45 1.73 1.66
C12 QSY C . -1.73 -0.39 2.89
C13 QSY C . -2.52 -1.23 1.86
C14 QSY C . -1.64 -1.96 0.82
C15 QSY C . 0.07 -1.89 -1.01
C16 QSY C . -2.01 -0.44 -1.14
C17 QSY C . 1.04 -0.97 -1.80
C18 QSY C . 2.16 -1.78 -2.49
C19 QSY C . 1.58 -2.88 -3.40
C20 QSY C . 0.61 -3.81 -2.63
C21 QSY C . -0.51 -3.00 -1.93
H7 QSY C . 3.29 1.00 1.71
H1 QSY C . 4.86 4.91 -1.03
H2 QSY C . 4.93 2.88 0.44
H29 QSY C . -0.47 -0.32 0.26
H3 QSY C . 0.50 4.91 -0.78
H4 QSY C . 0.97 7.22 -1.45
H5 QSY C . 0.84 6.09 -2.81
H6 QSY C . 1.76 7.59 -3.00
H8 QSY C . -2.51 1.72 1.76
H10 QSY C . -1.14 -1.07 3.52
H9 QSY C . -2.44 0.12 3.55
H12 QSY C . -3.10 -1.98 2.41
H11 QSY C . -3.24 -0.59 1.35
H13 QSY C . -2.25 -2.68 0.27
H14 QSY C . -0.84 -2.51 1.34
H15 QSY C . 0.66 -2.38 -0.25
H17 QSY C . -1.50 0.15 -1.89
H18 QSY C . -2.66 0.19 -0.54
H16 QSY C . -2.59 -1.24 -1.62
H19 QSY C . 1.49 -0.22 -1.11
H20 QSY C . 0.50 -0.40 -2.55
H22 QSY C . 2.81 -1.11 -3.06
H21 QSY C . 2.79 -2.25 -1.72
H24 QSY C . 1.06 -2.40 -4.24
H23 QSY C . 2.40 -3.47 -3.82
H26 QSY C . 0.15 -4.52 -3.33
H25 QSY C . 1.16 -4.39 -1.89
H27 QSY C . -1.13 -3.68 -1.35
H28 QSY C . -1.16 -2.55 -2.70
C1 QSY C . 3.32 4.29 -0.62
N1 QSY C . 3.30 1.09 2.06
O1 QSY C . 3.30 5.30 -1.56
C2 QSY C . 4.55 3.64 -0.36
N2 QSY C . -0.10 0.26 3.22
O2 QSY C . 1.86 -0.93 3.66
C3 QSY C . 4.64 2.57 0.54
N3 QSY C . -0.06 2.31 1.90
C4 QSY C . 3.47 2.17 1.19
N4 QSY C . -0.23 -1.31 0.62
C5 QSY C . 2.27 2.82 0.97
C6 QSY C . 2.15 3.87 0.06
C7 QSY C . 2.08 5.92 -2.01
C8 QSY C . 1.93 1.07 2.38
C9 QSY C . 1.30 2.12 1.75
C10 QSY C . 1.28 0.03 3.16
C11 QSY C . -0.69 1.38 2.63
C12 QSY C . -0.98 -0.77 3.79
C13 QSY C . -1.76 -1.58 2.71
C14 QSY C . -0.85 -2.25 1.64
C15 QSY C . 0.88 -2.03 -0.15
C16 QSY C . -1.28 -0.73 -0.31
C17 QSY C . 1.82 -1.06 -0.88
C18 QSY C . 3.03 -1.79 -1.52
C19 QSY C . 2.57 -2.93 -2.46
C20 QSY C . 1.59 -3.90 -1.75
C21 QSY C . 0.40 -3.16 -1.11
H7 QSY C . 4.01 0.43 2.35
H1 QSY C . 5.44 3.98 -0.89
H2 QSY C . 5.58 2.06 0.70
H29 QSY C . 0.21 -0.54 1.14
H3 QSY C . 1.18 4.33 -0.12
H4 QSY C . 1.57 6.42 -1.17
H5 QSY C . 1.40 5.17 -2.43
H6 QSY C . 2.30 6.66 -2.78
H8 QSY C . -1.76 1.41 2.79
H10 QSY C . -0.41 -1.47 4.41
H9 QSY C . -1.71 -0.29 4.44
H12 QSY C . -2.33 -2.38 3.21
H11 QSY C . -2.50 -0.94 2.21
H13 QSY C . -1.44 -2.97 1.07
H14 QSY C . -0.04 -2.78 2.14
H15 QSY C . 1.48 -2.51 0.63
H17 QSY C . -0.79 -0.04 -1.01
H18 QSY C . -2.00 -0.18 0.30
H16 QSY C . -1.76 -1.54 -0.85
H19 QSY C . 2.20 -0.30 -0.19
H20 QSY C . 1.27 -0.53 -1.68
H22 QSY C . 3.66 -1.09 -2.06
H21 QSY C . 3.65 -2.21 -0.72
H24 QSY C . 2.09 -2.50 -3.34
H23 QSY C . 3.45 -3.49 -2.83
H26 QSY C . 1.23 -4.65 -2.47
H25 QSY C . 2.14 -4.44 -0.97
H27 QSY C . -0.22 -3.88 -0.57
H28 QSY C . -0.23 -2.74 -1.91
C1 QSY C . 3.06 4.32 -0.48
N1 QSY C . 2.19 1.01 1.87
O1 QSY C . 3.35 5.40 -1.28
C2 QSY C . 4.16 3.65 0.11
N2 QSY C . -1.40 0.22 1.97
O2 QSY C . 0.30 -0.96 3.00
C3 QSY C . 3.95 2.52 0.94
N3 QSY C . -0.96 2.24 0.67
C4 QSY C . 2.63 2.11 1.13
N4 QSY C . -3.31 -3.14 -0.40
C5 QSY C . 1.56 2.77 0.57
C6 QSY C . 1.73 3.89 -0.24
C7 QSY C . 2.33 6.24 -1.85
C8 QSY C . 0.80 0.99 1.74
C9 QSY C . 0.38 2.06 0.98
C10 QSY C . -0.08 -0.03 2.32
C11 QSY C . -1.77 1.33 1.18
C12 QSY C . -2.48 -0.64 2.52
C13 QSY C . -2.61 -2.01 1.83
C14 QSY C . -2.75 -1.91 0.29
C15 QSY C . -3.39 -2.90 -1.91
C16 QSY C . -2.47 -4.37 -0.08
C17 QSY C . -4.44 -3.80 -2.60
C18 QSY C . -4.64 -3.42 -4.09
C19 QSY C . -3.31 -3.40 -4.87
C20 QSY C . -2.23 -2.56 -4.16
C21 QSY C . -2.05 -2.99 -2.68
H7 QSY C . 2.76 0.35 2.37
H1 QSY C . 5.17 3.99 -0.07
H2 QSY C . 4.79 2.00 1.38
H29 QSY C . -4.25 -3.31 -0.05
H3 QSY C . 0.87 4.39 -0.67
H4 QSY C . 1.73 6.70 -1.06
H5 QSY C . 1.67 5.67 -2.52
H6 QSY C . 2.80 7.03 -2.44
H8 QSY C . -2.84 1.38 1.02
H10 QSY C . -2.29 -0.80 3.59
H9 QSY C . -3.44 -0.12 2.44
H12 QSY C . -1.74 -2.64 2.06
H11 QSY C . -3.49 -2.52 2.24
H13 QSY C . -1.77 -1.69 -0.16
H14 QSY C . -3.43 -1.10 0.05
H15 QSY C . -3.75 -1.88 -2.01
H17 QSY C . -1.44 -4.18 -0.38
H18 QSY C . -2.87 -5.22 -0.63
H16 QSY C . -2.53 -4.56 0.98
H19 QSY C . -5.41 -3.72 -2.08
H20 QSY C . -4.14 -4.85 -2.53
H22 QSY C . -5.34 -4.12 -4.56
H21 QSY C . -5.12 -2.44 -4.15
H24 QSY C . -2.94 -4.43 -4.98
H23 QSY C . -3.47 -3.01 -5.88
H26 QSY C . -1.27 -2.64 -4.68
H25 QSY C . -2.51 -1.49 -4.17
H27 QSY C . -1.29 -2.36 -2.21
H28 QSY C . -1.66 -4.01 -2.67
C1 QSY C . 1.55 3.91 -0.31
N1 QSY C . 0.65 0.42 1.74
O1 QSY C . 1.85 5.05 -1.02
C2 QSY C . 2.63 3.21 0.27
N2 QSY C . -2.80 -0.70 1.18
O2 QSY C . -1.19 -1.78 2.46
C3 QSY C . 2.41 2.04 1.03
N3 QSY C . -2.39 1.49 0.16
C4 QSY C . 1.10 1.58 1.12
N4 QSY C . -4.89 -2.02 -1.61
C5 QSY C . 0.05 2.24 0.51
C6 QSY C . 0.24 3.43 -0.21
C7 QSY C . 0.87 6.07 -1.29
C8 QSY C . -0.71 0.31 1.43
C9 QSY C . -1.10 1.40 0.69
C10 QSY C . -1.55 -0.84 1.78
C11 QSY C . -3.18 0.44 0.44
C12 QSY C . -3.80 -1.78 1.36
C13 QSY C . -3.56 -2.99 0.43
C14 QSY C . -3.59 -2.64 -1.09
C15 QSY C . -4.80 -1.68 -3.09
C16 QSY C . -6.05 -2.96 -1.37
C17 QSY C . -4.42 -2.86 -4.03
C18 QSY C . -4.47 -2.46 -5.52
C19 QSY C . -3.58 -1.23 -5.80
C20 QSY C . -3.93 -0.05 -4.87
C21 QSY C . -3.89 -0.47 -3.37
H7 QSY C . 1.21 -0.23 2.27
H1 QSY C . 3.64 3.59 0.16
H2 QSY C . 3.24 1.50 1.48
H29 QSY C . -5.06 -1.15 -1.08
H3 QSY C . -0.61 3.91 -0.70
H4 QSY C . 0.06 5.67 -1.91
H5 QSY C . 1.34 6.91 -1.83
H6 QSY C . 0.45 6.45 -0.35
H8 QSY C . -4.19 0.40 0.09
H10 QSY C . -3.78 -2.12 2.40
H9 QSY C . -4.81 -1.38 1.18
H12 QSY C . -2.58 -3.43 0.65
H11 QSY C . -4.31 -3.76 0.64
H13 QSY C . -3.42 -3.55 -1.66
H14 QSY C . -2.80 -1.93 -1.29
H15 QSY C . -5.81 -1.38 -3.35
H17 QSY C . -6.94 -2.51 -1.81
H18 QSY C . -5.84 -3.91 -1.86
H16 QSY C . -6.19 -3.10 -0.30
H19 QSY C . -5.11 -3.71 -3.86
H20 QSY C . -3.41 -3.22 -3.79
H22 QSY C . -4.15 -3.31 -6.13
H21 QSY C . -5.50 -2.23 -5.80
H24 QSY C . -2.52 -1.51 -5.66
H23 QSY C . -3.70 -0.93 -6.84
H26 QSY C . -3.24 0.78 -5.05
H25 QSY C . -4.94 0.31 -5.11
H27 QSY C . -4.21 0.38 -2.75
H28 QSY C . -2.84 -0.69 -3.11
C1 QSY C . 2.40 4.27 -0.93
N1 QSY C . 1.97 1.18 1.84
O1 QSY C . 2.53 5.28 -1.86
C2 QSY C . 3.58 3.73 -0.37
N2 QSY C . -1.53 0.08 2.19
O2 QSY C . 0.32 -0.84 3.24
C3 QSY C . 3.53 2.68 0.58
N3 QSY C . -1.33 1.99 0.67
C4 QSY C . 2.27 2.21 0.95
N4 QSY C . -1.76 -3.69 0.00
C5 QSY C . 1.11 2.72 0.39
C6 QSY C . 1.14 3.76 -0.55
C7 QSY C . 1.40 6.03 -2.33
C8 QSY C . 0.57 1.03 1.80
C9 QSY C . 0.03 1.96 0.95
C10 QSY C . -0.18 0.00 2.51
C11 QSY C . -2.03 1.06 1.32
C12 QSY C . -2.48 -0.92 2.71
C13 QSY C . -2.81 -2.02 1.67
C14 QSY C . -1.54 -2.73 1.15
C15 QSY C . -0.46 -4.02 -0.72
C16 QSY C . -2.42 -4.95 0.50
C17 QSY C . 0.68 -4.56 0.19
C18 QSY C . 1.92 -4.98 -0.63
C19 QSY C . 2.43 -3.81 -1.50
C20 QSY C . 1.32 -3.23 -2.40
C21 QSY C . 0.07 -2.83 -1.58
H7 QSY C . 2.61 0.62 2.36
H1 QSY C . 4.55 4.13 -0.67
H2 QSY C . 4.44 2.27 1.00
H29 QSY C . -2.38 -3.23 -0.69
H3 QSY C . 0.20 4.12 -0.97
H4 QSY C . 0.67 5.39 -2.82
H5 QSY C . 1.74 6.80 -3.04
H6 QSY C . 0.91 6.54 -1.50
H8 QSY C . -3.10 0.98 1.20
H10 QSY C . -2.08 -1.40 3.61
H9 QSY C . -3.42 -0.43 3.00
H12 QSY C . -3.49 -2.76 2.11
H11 QSY C . -3.34 -1.57 0.83
H13 QSY C . -1.04 -3.28 1.96
H14 QSY C . -0.85 -1.97 0.79
H15 QSY C . -0.72 -4.82 -1.41
H17 QSY C . -1.78 -5.42 1.24
H18 QSY C . -2.56 -5.63 -0.35
H16 QSY C . -3.39 -4.69 0.93
H19 QSY C . 0.32 -5.44 0.76
H20 QSY C . 0.98 -3.80 0.91
H22 QSY C . 2.71 -5.32 0.04
H21 QSY C . 1.66 -5.82 -1.28
H24 QSY C . 2.84 -3.02 -0.86
H23 QSY C . 3.27 -4.16 -2.14
H26 QSY C . 1.70 -2.34 -2.93
H25 QSY C . 1.03 -3.97 -3.16
H27 QSY C . -0.72 -2.50 -2.26
H28 QSY C . 0.32 -1.98 -0.92
C1 QSY C . 2.67 5.36 -1.07
N1 QSY C . 2.29 2.02 1.38
O1 QSY C . 2.79 6.42 -1.95
C2 QSY C . 3.86 4.67 -0.74
N2 QSY C . -1.21 1.30 2.28
O2 QSY C . 0.66 -0.01 2.77
C3 QSY C . 3.82 3.54 0.11
N3 QSY C . -1.01 3.39 1.00
C4 QSY C . 2.57 3.13 0.60
N4 QSY C . -2.54 -1.60 -0.66
C5 QSY C . 1.43 3.83 0.30
C6 QSY C . 1.43 4.95 -0.55
C7 QSY C . 1.65 7.16 -2.40
C8 QSY C . 0.90 2.03 1.58
C9 QSY C . 0.35 3.14 0.96
C10 QSY C . 0.16 1.00 2.28
C11 QSY C . -1.71 2.47 1.69
C12 QSY C . -2.18 0.30 2.78
C13 QSY C . -2.89 -0.44 1.62
C14 QSY C . -1.90 -1.01 0.58
C15 QSY C . -1.52 -1.65 -1.80
C16 QSY C . -3.12 -2.97 -0.35
C17 QSY C . -2.16 -1.92 -3.17
C18 QSY C . -1.13 -1.81 -4.32
C19 QSY C . 0.07 -2.76 -4.09
C20 QSY C . 0.73 -2.51 -2.72
C21 QSY C . -0.29 -2.60 -1.56
H7 QSY C . 2.94 1.33 1.72
H1 QSY C . 4.81 4.99 -1.15
H2 QSY C . 4.73 2.98 0.34
H29 QSY C . -3.30 -0.98 -0.96
H3 QSY C . 0.50 5.46 -0.77
H4 QSY C . 1.16 7.66 -1.55
H5 QSY C . 0.94 6.49 -2.89
H6 QSY C . 1.97 7.92 -3.12
H8 QSY C . -2.78 2.54 1.77
H10 QSY C . -1.67 -0.43 3.42
H9 QSY C . -2.92 0.80 3.40
H12 QSY C . -3.50 -1.25 2.04
H11 QSY C . -3.58 0.25 1.13
H13 QSY C . -1.27 -1.78 1.03
H14 QSY C . -1.26 -0.19 0.23
H15 QSY C . -1.12 -0.64 -1.84
H17 QSY C . -3.59 -3.37 -1.25
H18 QSY C . -3.86 -2.86 0.44
H16 QSY C . -2.31 -3.63 -0.02
H19 QSY C . -2.97 -1.20 -3.35
H20 QSY C . -2.62 -2.92 -3.19
H22 QSY C . -1.61 -2.04 -5.28
H21 QSY C . -0.77 -0.77 -4.38
H24 QSY C . -0.28 -3.80 -4.14
H23 QSY C . 0.81 -2.63 -4.89
H26 QSY C . 1.54 -3.24 -2.55
H25 QSY C . 1.20 -1.51 -2.71
H27 QSY C . 0.20 -2.35 -0.62
H28 QSY C . -0.65 -3.63 -1.48
C1 QSY C . 2.60 4.87 -1.04
N1 QSY C . 2.28 1.69 1.63
O1 QSY C . 2.71 5.87 -1.99
C2 QSY C . 3.80 4.29 -0.57
N2 QSY C . -1.20 0.62 2.16
O2 QSY C . 0.72 -0.40 2.99
C3 QSY C . 3.79 3.23 0.36
N3 QSY C . -1.08 2.64 0.79
C4 QSY C . 2.54 2.77 0.79
N4 QSY C . -2.63 -2.70 -0.38
C5 QSY C . 1.36 3.33 0.34
C6 QSY C . 1.36 4.38 -0.58
C7 QSY C . 1.59 6.70 -2.35
C8 QSY C . 0.89 1.57 1.68
C9 QSY C . 0.29 2.57 0.94
C10 QSY C . 0.17 0.49 2.36
C11 QSY C . -1.76 1.68 1.42
C12 QSY C . -2.09 -0.39 2.77
C13 QSY C . -2.16 -1.69 1.96
C14 QSY C . -2.80 -1.52 0.57
C15 QSY C . -3.24 -3.98 0.19
C16 QSY C . -3.25 -2.34 -1.71
C17 QSY C . -2.82 -5.25 -0.60
C18 QSY C . -3.30 -6.54 0.10
C19 QSY C . -4.83 -6.51 0.34
C20 QSY C . -5.27 -5.25 1.10
C21 QSY C . -4.78 -3.96 0.41
H7 QSY C . 2.96 1.09 2.07
H1 QSY C . 4.76 4.67 -0.93
H2 QSY C . 4.71 2.79 0.70
H29 QSY C . -1.63 -2.86 -0.52
H3 QSY C . 0.42 4.78 -0.94
H4 QSY C . 0.76 6.10 -2.72
H5 QSY C . 1.90 7.41 -3.12
H6 QSY C . 1.26 7.26 -1.48
H8 QSY C . -2.83 1.62 1.38
H10 QSY C . -1.75 -0.60 3.79
H9 QSY C . -3.10 0.02 2.85
H12 QSY C . -1.16 -2.11 1.85
H11 QSY C . -2.74 -2.43 2.53
H13 QSY C . -2.34 -0.66 0.08
H14 QSY C . -3.86 -1.33 0.67
H15 QSY C . -2.79 -4.08 1.18
H17 QSY C . -2.74 -1.46 -2.10
H18 QSY C . -4.31 -2.13 -1.57
H16 QSY C . -3.11 -3.18 -2.41
H19 QSY C . -1.73 -5.28 -0.69
H20 QSY C . -3.23 -5.22 -1.61
H22 QSY C . -3.03 -7.41 -0.52
H21 QSY C . -2.79 -6.65 1.06
H24 QSY C . -5.35 -6.55 -0.63
H23 QSY C . -5.14 -7.41 0.89
H26 QSY C . -6.37 -5.23 1.19
H25 QSY C . -4.86 -5.29 2.12
H27 QSY C . -5.07 -3.10 1.02
H28 QSY C . -5.30 -3.87 -0.55
C1 QSY C . 2.38 4.33 -0.25
N1 QSY C . 2.39 1.24 2.54
O1 QSY C . 2.36 5.35 -1.19
C2 QSY C . 3.63 3.78 0.10
N2 QSY C . -1.00 0.17 3.51
O2 QSY C . 1.01 -0.76 4.20
C3 QSY C . 3.73 2.75 1.05
N3 QSY C . -1.05 2.12 2.01
C4 QSY C . 2.55 2.27 1.61
N4 QSY C . -0.43 -2.13 1.51
C5 QSY C . 1.32 2.80 1.28
C6 QSY C . 1.19 3.83 0.34
C7 QSY C . 1.19 6.14 -1.45
C8 QSY C . 1.02 1.12 2.75
C9 QSY C . 0.33 2.06 2.02
C10 QSY C . 0.39 0.08 3.58
C11 QSY C . -1.64 1.17 2.76
C12 QSY C . -1.83 -0.83 4.18
C13 QSY C . -2.39 -1.92 3.23
C14 QSY C . -1.30 -2.80 2.56
C15 QSY C . 0.76 -3.03 1.21
C16 QSY C . -1.26 -1.75 0.31
C17 QSY C . 2.02 -2.27 0.72
C18 QSY C . 2.04 -1.99 -0.80
C19 QSY C . 1.85 -3.28 -1.62
C20 QSY C . 0.55 -4.02 -1.20
C21 QSY C . 0.49 -4.28 0.31
H7 QSY C . 3.12 0.67 2.93
H1 QSY C . 4.53 4.18 -0.37
H2 QSY C . 4.70 2.34 1.32
H29 QSY C . -0.06 -1.26 1.95
H3 QSY C . 0.20 4.22 0.09
H4 QSY C . 0.38 5.51 -1.84
H5 QSY C . 1.42 6.90 -2.20
H6 QSY C . 0.84 6.63 -0.53
H8 QSY C . -2.72 1.10 2.81
H10 QSY C . -1.27 -1.33 4.98
H9 QSY C . -2.68 -0.32 4.66
H12 QSY C . -3.05 -2.58 3.80
H11 QSY C . -3.02 -1.45 2.46
H13 QSY C . -1.78 -3.65 2.08
H14 QSY C . -0.65 -3.18 3.34
H15 QSY C . 1.02 -3.42 2.19
H17 QSY C . -1.72 -2.65 -0.10
H18 QSY C . -0.61 -1.28 -0.43
H16 QSY C . -2.03 -1.05 0.62
H19 QSY C . 2.92 -2.85 0.98
H20 QSY C . 2.12 -1.32 1.27
H22 QSY C . 1.27 -1.26 -1.06
H21 QSY C . 3.01 -1.54 -1.08
H24 QSY C . 1.82 -3.05 -2.69
H23 QSY C . 2.71 -3.95 -1.45
H26 QSY C . -0.31 -3.43 -1.53
H25 QSY C . 0.49 -4.99 -1.74
H27 QSY C . 1.24 -5.04 0.56
H28 QSY C . -0.48 -4.72 0.58
C1 QSY C . 2.39 5.03 -0.90
N1 QSY C . 1.93 1.71 1.55
O1 QSY C . 2.54 6.11 -1.74
C2 QSY C . 3.54 4.57 -0.21
N2 QSY C . -1.35 0.08 1.11
O2 QSY C . 0.40 -0.65 2.45
C3 QSY C . 3.47 3.46 0.66
N3 QSY C . -1.19 2.18 -0.15
C4 QSY C . 2.23 2.84 0.80
N4 QSY C . -0.42 -1.25 -1.59
C5 QSY C . 1.11 3.26 0.10
C6 QSY C . 1.16 4.36 -0.76
C7 QSY C . 1.42 6.94 -2.11
C8 QSY C . 0.60 1.39 1.26
C9 QSY C . 0.07 2.31 0.39
C10 QSY C . -0.09 0.17 1.70
C11 QSY C . -1.84 1.08 0.26
C12 QSY C . -2.18 -1.11 1.31
C13 QSY C . -2.33 -1.99 0.04
C14 QSY C . -1.00 -2.33 -0.69
C15 QSY C . 1.00 -1.56 -2.09
C16 QSY C . -1.32 -1.05 -2.79
C17 QSY C . 1.24 -2.95 -2.73
C18 QSY C . 1.61 -4.07 -1.72
C19 QSY C . 2.76 -3.64 -0.78
C20 QSY C . 2.46 -2.30 -0.08
C21 QSY C . 2.13 -1.19 -1.09
H7 QSY C . 2.55 1.18 2.14
H1 QSY C . 4.50 5.08 -0.37
H2 QSY C . 4.35 3.10 1.18
H29 QSY C . -0.37 -0.37 -1.06
H3 QSY C . 0.27 4.66 -1.31
H4 QSY C . 1.76 7.79 -2.72
H5 QSY C . 0.94 7.35 -1.20
H6 QSY C . 0.68 6.38 -2.67
H8 QSY C . -2.85 0.87 -0.09
H10 QSY C . -1.74 -1.75 2.11
H9 QSY C . -3.17 -0.81 1.65
H12 QSY C . -2.81 -2.92 0.33
H11 QSY C . -3.02 -1.50 -0.67
H13 QSY C . -1.17 -3.20 -1.32
H14 QSY C . -0.25 -2.59 0.07
H15 QSY C . 1.10 -0.84 -2.91
H17 QSY C . -0.84 -0.32 -3.45
H18 QSY C . -2.28 -0.67 -2.45
H16 QSY C . -1.43 -2.01 -3.29
H19 QSY C . 2.06 -2.86 -3.46
H20 QSY C . 0.37 -3.26 -3.32
H22 QSY C . 0.74 -4.34 -1.12
H21 QSY C . 1.91 -4.97 -2.27
H24 QSY C . 2.93 -4.42 -0.03
H23 QSY C . 3.69 -3.56 -1.36
H26 QSY C . 1.63 -2.43 0.62
H25 QSY C . 3.32 -2.00 0.53
H27 QSY C . 3.04 -0.97 -1.67
H28 QSY C . 1.88 -0.26 -0.57
C1 QSY C . 2.78 4.30 -0.41
N1 QSY C . 2.08 1.25 2.34
O1 QSY C . 2.99 5.29 -1.35
C2 QSY C . 3.91 3.73 0.23
N2 QSY C . -1.48 0.35 2.62
O2 QSY C . 0.29 -0.61 3.76
C3 QSY C . 3.75 2.70 1.18
N3 QSY C . -1.13 2.20 1.06
C4 QSY C . 2.46 2.25 1.46
N4 QSY C . -0.77 -2.13 0.79
C5 QSY C . 1.35 2.81 0.85
C6 QSY C . 1.47 3.83 -0.10
C7 QSY C . 1.93 6.04 -1.94
C8 QSY C . 0.69 1.17 2.25
C9 QSY C . 0.22 2.10 1.36
C10 QSY C . -0.14 0.20 2.98
C11 QSY C . -1.91 1.33 1.71
C12 QSY C . -2.50 -0.56 3.20
C13 QSY C . -2.84 -1.77 2.30
C14 QSY C . -1.62 -2.65 1.95
C15 QSY C . 0.64 -2.69 0.88
C16 QSY C . -1.45 -2.47 -0.52
C17 QSY C . 1.64 -1.90 -0.01
C18 QSY C . 3.10 -2.38 0.21
C19 QSY C . 3.23 -3.90 -0.02
C20 QSY C . 2.23 -4.70 0.83
C21 QSY C . 0.77 -4.22 0.63
H7 QSY C . 2.68 0.69 2.93
H1 QSY C . 4.90 4.10 -0.02
H2 QSY C . 4.62 2.26 1.68
H29 QSY C . -0.70 -1.11 0.88
H3 QSY C . 0.58 4.23 -0.58
H4 QSY C . 2.35 6.75 -2.67
H5 QSY C . 1.39 6.60 -1.17
H6 QSY C . 1.23 5.38 -2.47
H8 QSY C . -2.98 1.30 1.55
H10 QSY C . -2.16 -0.91 4.19
H9 QSY C . -3.42 0.02 3.36
H12 QSY C . -3.56 -2.39 2.84
H11 QSY C . -3.34 -1.44 1.39
H13 QSY C . -1.94 -3.66 1.68
H14 QSY C . -0.97 -2.72 2.83
H15 QSY C . 0.94 -2.51 1.91
H17 QSY C . -0.80 -2.15 -1.35
H18 QSY C . -2.41 -1.95 -0.56
H16 QSY C . -1.60 -3.55 -0.56
H19 QSY C . 1.57 -0.83 0.24
H20 QSY C . 1.38 -2.02 -1.06
H22 QSY C . 3.76 -1.83 -0.47
H21 QSY C . 3.41 -2.14 1.23
H24 QSY C . 3.05 -4.11 -1.08
H23 QSY C . 4.26 -4.21 0.20
H26 QSY C . 2.31 -5.77 0.60
H25 QSY C . 2.49 -4.59 1.89
H27 QSY C . 0.12 -4.78 1.30
H28 QSY C . 0.47 -4.45 -0.40
#